data_4LXX
#
_entry.id   4LXX
#
_cell.length_a   96.992
_cell.length_b   64.825
_cell.length_c   134.798
_cell.angle_alpha   90.00
_cell.angle_beta   110.60
_cell.angle_gamma   90.00
#
_symmetry.space_group_name_H-M   'C 1 2 1'
#
loop_
_entity.id
_entity.type
_entity.pdbx_description
1 polymer 'WlaRD, a sugar 3N-formyl transferase'
2 non-polymer 'N-{[4-({[(6R)-2-amino-5-formyl-4-oxo-1,4,5,6,7,8-hexahydropteridin-6-yl]methyl}amino)phenyl]carbonyl}-L-glutamic acid'
3 non-polymer '3[N-MORPHOLINO]PROPANE SULFONIC ACID'
4 non-polymer '(2R,3R,4S,5R,6R)-4-(formylamino)-3,5-dihydroxy-6-methyltetrahydro-2H-pyran-2-yl [(2R,3S,5R)-3-hydroxy-5-(5-methyl-2,4-dioxo-3,4-dihydropyrimidin-1(2H)-yl)tetrahydrofuran-2-yl]methyl dihydrogen diphosphate (non-preferred name)'
5 non-polymer 'CHLORIDE ION'
6 non-polymer 1,2-ETHANEDIOL
7 water water
#
_entity_poly.entity_id   1
_entity_poly.type   'polypeptide(L)'
_entity_poly.pdbx_seq_one_letter_code
;GHMIKICIAGKNNIAVNSLQFILKNYFEADQIVVIPNKNDKGIDSWQKSLLKFALDNNIKIVTLDEIYNIEQIIFFSLEF
DQIIKIENFKSDRLFNIHFSALPKYKGVFTSITPILNNELESGVTLHRIDNGIDTGNIIDQHCFPIDINDTARDLYFNYL
KYGESIFKKNIQTIINNSYKDLKQTNINSSYFSRKDINLVHKINFKKTSFEIHNQIRAFIFQEYQLPIINNSKIIKSILA
NEFIGYNVFEEFENYFIISGIDGFKIIAQKLNKL
;
_entity_poly.pdbx_strand_id   A,B
#
# COMPACT_ATOMS: atom_id res chain seq x y z
N GLY A 1 34.52 -29.44 14.76
CA GLY A 1 34.86 -29.66 13.32
C GLY A 1 35.82 -28.61 12.79
N HIS A 2 35.33 -27.77 11.89
CA HIS A 2 36.22 -26.97 11.05
C HIS A 2 36.82 -25.82 11.86
N MET A 3 38.02 -25.39 11.50
CA MET A 3 38.57 -24.15 12.03
C MET A 3 37.57 -23.00 11.78
N ILE A 4 37.04 -22.90 10.56
CA ILE A 4 36.15 -21.79 10.20
CA ILE A 4 36.15 -21.79 10.20
C ILE A 4 34.75 -22.04 10.75
N LYS A 5 34.26 -21.09 11.56
CA LYS A 5 32.97 -21.20 12.22
CA LYS A 5 32.97 -21.20 12.22
C LYS A 5 31.90 -20.34 11.54
N ILE A 6 32.31 -19.25 10.88
CA ILE A 6 31.32 -18.23 10.44
C ILE A 6 31.82 -17.52 9.21
N CYS A 7 30.88 -17.23 8.33
CA CYS A 7 31.16 -16.34 7.19
C CYS A 7 30.23 -15.13 7.26
N ILE A 8 30.84 -13.94 7.23
CA ILE A 8 30.03 -12.71 7.12
C ILE A 8 30.14 -12.23 5.66
N ALA A 9 28.98 -12.08 5.04
CA ALA A 9 28.89 -11.77 3.58
C ALA A 9 28.04 -10.51 3.47
N GLY A 10 28.54 -9.49 2.77
CA GLY A 10 27.77 -8.28 2.57
C GLY A 10 28.60 -7.03 2.60
N LYS A 11 27.96 -6.00 3.14
CA LYS A 11 28.56 -4.66 3.01
C LYS A 11 28.06 -3.69 4.05
N ASN A 12 28.74 -2.53 4.08
CA ASN A 12 28.25 -1.34 4.81
C ASN A 12 28.41 -1.45 6.32
N ASN A 13 27.96 -0.46 7.07
CA ASN A 13 28.31 -0.41 8.49
C ASN A 13 27.64 -1.55 9.26
N ILE A 14 26.52 -2.06 8.77
CA ILE A 14 25.91 -3.19 9.46
C ILE A 14 26.80 -4.41 9.40
N ALA A 15 27.39 -4.71 8.24
CA ALA A 15 28.32 -5.85 8.12
C ALA A 15 29.60 -5.59 8.89
N VAL A 16 30.18 -4.40 8.76
CA VAL A 16 31.46 -4.12 9.41
C VAL A 16 31.30 -4.17 10.94
N ASN A 17 30.27 -3.52 11.47
CA ASN A 17 30.10 -3.42 12.91
C ASN A 17 29.68 -4.75 13.50
N SER A 18 28.93 -5.55 12.75
CA SER A 18 28.56 -6.89 13.22
C SER A 18 29.79 -7.78 13.21
N LEU A 19 30.62 -7.72 12.17
CA LEU A 19 31.89 -8.45 12.17
C LEU A 19 32.81 -8.06 13.32
N GLN A 20 32.97 -6.76 13.54
CA GLN A 20 33.74 -6.25 14.68
C GLN A 20 33.21 -6.81 15.99
N PHE A 21 31.89 -6.90 16.13
CA PHE A 21 31.26 -7.40 17.34
C PHE A 21 31.63 -8.87 17.53
N ILE A 22 31.54 -9.70 16.50
CA ILE A 22 31.89 -11.10 16.67
CA ILE A 22 31.88 -11.10 16.65
C ILE A 22 33.37 -11.30 16.92
N LEU A 23 34.24 -10.54 16.23
CA LEU A 23 35.68 -10.60 16.48
C LEU A 23 36.00 -10.23 17.92
N LYS A 24 35.31 -9.26 18.47
CA LYS A 24 35.61 -8.80 19.82
C LYS A 24 35.10 -9.79 20.85
N ASN A 25 33.96 -10.44 20.58
CA ASN A 25 33.16 -11.09 21.61
C ASN A 25 33.03 -12.60 21.48
N TYR A 26 33.25 -13.16 20.29
CA TYR A 26 32.93 -14.57 20.03
C TYR A 26 34.03 -15.41 19.37
N PHE A 27 34.58 -14.93 18.26
CA PHE A 27 35.45 -15.71 17.39
C PHE A 27 36.76 -14.97 17.10
N GLU A 28 37.84 -15.71 16.91
CA GLU A 28 39.13 -15.15 16.49
C GLU A 28 39.13 -15.03 14.97
N ALA A 29 40.06 -14.23 14.45
CA ALA A 29 40.23 -14.08 13.02
C ALA A 29 40.24 -15.36 12.21
N ASP A 30 40.96 -16.36 12.69
CA ASP A 30 41.10 -17.60 11.96
C ASP A 30 39.81 -18.43 11.91
N GLN A 31 38.83 -18.09 12.72
CA GLN A 31 37.54 -18.76 12.73
C GLN A 31 36.52 -18.09 11.81
N ILE A 32 36.92 -16.99 11.13
CA ILE A 32 35.96 -16.15 10.39
C ILE A 32 36.46 -16.02 8.97
N VAL A 33 35.52 -16.03 8.03
CA VAL A 33 35.86 -15.65 6.66
C VAL A 33 34.81 -14.65 6.19
N VAL A 34 35.16 -13.87 5.17
CA VAL A 34 34.26 -12.81 4.69
C VAL A 34 34.11 -12.87 3.18
N ILE A 35 32.88 -12.62 2.73
CA ILE A 35 32.62 -12.44 1.28
C ILE A 35 32.06 -11.02 1.05
N PRO A 36 32.91 -10.11 0.60
CA PRO A 36 32.40 -8.76 0.34
C PRO A 36 31.51 -8.80 -0.92
N ASN A 37 30.71 -7.75 -1.04
CA ASN A 37 29.96 -7.54 -2.28
C ASN A 37 30.92 -7.21 -3.44
N LYS A 38 30.42 -7.45 -4.64
CA LYS A 38 31.22 -7.29 -5.84
C LYS A 38 31.77 -5.87 -5.97
N ASN A 39 31.01 -4.89 -5.51
CA ASN A 39 31.37 -3.50 -5.70
C ASN A 39 32.24 -2.94 -4.57
N ASP A 40 32.62 -3.75 -3.59
CA ASP A 40 33.43 -3.22 -2.50
C ASP A 40 34.80 -2.78 -3.04
N LYS A 41 35.09 -1.51 -2.83
CA LYS A 41 36.29 -0.84 -3.33
CA LYS A 41 36.33 -0.95 -3.37
C LYS A 41 37.51 -1.06 -2.43
N GLY A 42 37.29 -1.58 -1.22
CA GLY A 42 38.45 -1.79 -0.36
C GLY A 42 38.93 -0.52 0.31
N ILE A 43 38.09 0.51 0.25
CA ILE A 43 38.30 1.81 0.92
C ILE A 43 37.01 2.20 1.63
N ASP A 44 37.12 2.99 2.67
CA ASP A 44 35.95 3.57 3.33
C ASP A 44 35.39 4.74 2.53
N SER A 45 34.08 4.82 2.46
CA SER A 45 33.40 5.88 1.70
C SER A 45 32.36 6.46 2.66
N TRP A 46 31.12 6.64 2.21
CA TRP A 46 30.10 7.07 3.16
C TRP A 46 29.62 5.92 4.08
N GLN A 47 30.02 4.70 3.71
CA GLN A 47 29.99 3.59 4.66
C GLN A 47 31.36 2.96 4.69
N LYS A 48 31.65 2.25 5.77
CA LYS A 48 32.90 1.50 5.83
C LYS A 48 32.94 0.29 4.91
N SER A 49 34.13 -0.07 4.44
CA SER A 49 34.38 -1.24 3.63
C SER A 49 34.55 -2.53 4.45
N LEU A 50 33.72 -3.51 4.15
CA LEU A 50 33.90 -4.84 4.76
C LEU A 50 35.20 -5.46 4.31
N LEU A 51 35.52 -5.33 3.03
CA LEU A 51 36.78 -5.83 2.53
C LEU A 51 38.00 -5.27 3.27
N LYS A 52 38.01 -3.97 3.49
CA LYS A 52 39.11 -3.31 4.18
C LYS A 52 39.18 -3.79 5.62
N PHE A 53 38.04 -3.86 6.28
CA PHE A 53 38.06 -4.24 7.68
C PHE A 53 38.63 -5.68 7.79
N ALA A 54 38.20 -6.59 6.93
CA ALA A 54 38.65 -7.97 6.99
C ALA A 54 40.16 -8.01 6.81
N LEU A 55 40.65 -7.33 5.78
CA LEU A 55 42.08 -7.36 5.46
C LEU A 55 42.88 -6.75 6.61
N ASP A 56 42.38 -5.65 7.18
CA ASP A 56 43.09 -5.00 8.27
C ASP A 56 43.17 -5.88 9.51
N ASN A 57 42.20 -6.79 9.67
CA ASN A 57 42.14 -7.64 10.87
C ASN A 57 42.49 -9.08 10.59
N ASN A 58 43.19 -9.33 9.49
CA ASN A 58 43.70 -10.65 9.23
CA ASN A 58 43.69 -10.64 9.11
C ASN A 58 42.62 -11.72 9.02
N ILE A 59 41.49 -11.36 8.42
CA ILE A 59 40.39 -12.29 8.13
C ILE A 59 40.42 -12.62 6.64
N LYS A 60 40.37 -13.89 6.26
CA LYS A 60 40.48 -14.30 4.87
C LYS A 60 39.25 -13.91 4.07
N ILE A 61 39.49 -13.38 2.87
CA ILE A 61 38.46 -13.12 1.89
C ILE A 61 38.25 -14.35 1.06
N VAL A 62 37.01 -14.82 0.99
CA VAL A 62 36.70 -16.07 0.32
C VAL A 62 35.58 -15.89 -0.72
N THR A 63 35.32 -16.92 -1.52
CA THR A 63 34.18 -16.99 -2.42
C THR A 63 33.17 -17.98 -1.86
N LEU A 64 31.94 -17.89 -2.35
CA LEU A 64 30.93 -18.91 -2.02
C LEU A 64 31.44 -20.34 -2.26
N ASP A 65 32.09 -20.56 -3.40
CA ASP A 65 32.57 -21.89 -3.72
C ASP A 65 33.48 -22.43 -2.63
N GLU A 66 34.28 -21.57 -2.00
CA GLU A 66 35.19 -22.01 -0.95
C GLU A 66 34.57 -22.33 0.40
N ILE A 67 33.30 -21.99 0.58
CA ILE A 67 32.65 -22.28 1.86
C ILE A 67 31.55 -23.35 1.78
N TYR A 68 31.12 -23.71 0.59
CA TYR A 68 30.01 -24.67 0.46
C TYR A 68 30.21 -25.96 1.25
N ASN A 69 31.44 -26.44 1.25
CA ASN A 69 31.72 -27.73 1.85
C ASN A 69 32.16 -27.67 3.30
N ILE A 70 32.10 -26.50 3.91
CA ILE A 70 32.47 -26.40 5.32
C ILE A 70 31.32 -26.80 6.24
N GLU A 71 31.50 -27.92 6.93
CA GLU A 71 30.46 -28.44 7.77
C GLU A 71 30.15 -27.47 8.89
N GLN A 72 28.85 -27.30 9.08
CA GLN A 72 28.34 -26.54 10.19
C GLN A 72 28.70 -25.04 10.20
N ILE A 73 29.21 -24.53 9.08
CA ILE A 73 29.48 -23.08 9.03
C ILE A 73 28.19 -22.28 9.22
N ILE A 74 28.31 -21.18 9.95
CA ILE A 74 27.23 -20.16 9.97
C ILE A 74 27.44 -19.22 8.81
N PHE A 75 26.45 -19.14 7.94
CA PHE A 75 26.55 -18.15 6.84
C PHE A 75 25.60 -17.01 7.20
N PHE A 76 26.15 -15.82 7.31
CA PHE A 76 25.33 -14.67 7.70
C PHE A 76 25.44 -13.56 6.66
N SER A 77 24.33 -13.33 5.95
CA SER A 77 24.23 -12.24 4.97
C SER A 77 23.76 -10.95 5.68
N LEU A 78 24.56 -9.92 5.47
CA LEU A 78 24.25 -8.56 5.96
C LEU A 78 24.40 -7.64 4.75
N GLU A 79 23.30 -7.44 4.02
CA GLU A 79 23.32 -6.70 2.76
C GLU A 79 24.14 -7.35 1.65
N PHE A 80 24.22 -8.69 1.68
CA PHE A 80 24.91 -9.43 0.61
C PHE A 80 24.15 -9.34 -0.72
N ASP A 81 24.90 -9.31 -1.82
CA ASP A 81 24.37 -9.03 -3.15
C ASP A 81 24.10 -10.24 -4.02
N GLN A 82 24.40 -11.44 -3.53
CA GLN A 82 24.26 -12.64 -4.37
C GLN A 82 23.18 -13.56 -3.83
N ILE A 83 22.25 -13.99 -4.68
CA ILE A 83 21.26 -14.99 -4.30
CA ILE A 83 21.26 -15.00 -4.33
C ILE A 83 21.96 -16.34 -4.25
N ILE A 84 21.79 -17.00 -3.12
CA ILE A 84 22.40 -18.32 -2.92
C ILE A 84 21.35 -19.41 -3.16
N LYS A 85 21.88 -20.59 -3.46
CA LYS A 85 21.06 -21.80 -3.53
CA LYS A 85 21.06 -21.80 -3.54
C LYS A 85 21.43 -22.72 -2.38
N ILE A 86 20.44 -23.05 -1.56
CA ILE A 86 20.75 -23.65 -0.28
CA ILE A 86 20.75 -23.65 -0.28
C ILE A 86 21.34 -25.06 -0.46
N GLU A 87 21.00 -25.70 -1.57
CA GLU A 87 21.50 -27.09 -1.75
C GLU A 87 22.98 -27.10 -2.11
N ASN A 88 23.57 -25.94 -2.38
CA ASN A 88 25.01 -25.87 -2.58
C ASN A 88 25.75 -26.14 -1.27
N PHE A 89 25.12 -25.85 -0.13
CA PHE A 89 25.82 -25.85 1.15
C PHE A 89 25.60 -27.17 1.88
N LYS A 90 26.67 -27.69 2.48
CA LYS A 90 26.50 -28.74 3.50
C LYS A 90 25.71 -28.25 4.68
N SER A 91 26.06 -27.06 5.16
CA SER A 91 25.38 -26.49 6.34
C SER A 91 23.98 -25.95 6.01
N ASP A 92 23.08 -26.06 6.99
CA ASP A 92 21.77 -25.43 6.93
C ASP A 92 21.65 -24.20 7.80
N ARG A 93 22.80 -23.66 8.24
CA ARG A 93 22.82 -22.55 9.16
C ARG A 93 23.00 -21.23 8.39
N LEU A 94 21.95 -20.85 7.66
CA LEU A 94 22.06 -19.76 6.67
C LEU A 94 21.06 -18.68 7.06
N PHE A 95 21.55 -17.46 7.26
CA PHE A 95 20.76 -16.39 7.90
C PHE A 95 20.98 -15.06 7.20
N ASN A 96 19.94 -14.23 7.32
CA ASN A 96 19.98 -12.89 6.70
C ASN A 96 19.27 -11.92 7.62
N ILE A 97 19.69 -10.64 7.62
CA ILE A 97 18.87 -9.55 8.17
C ILE A 97 18.34 -8.73 6.98
N HIS A 98 17.02 -8.73 6.83
CA HIS A 98 16.37 -7.97 5.75
C HIS A 98 15.81 -6.66 6.27
N PHE A 99 16.07 -5.63 5.48
CA PHE A 99 15.62 -4.27 5.84
C PHE A 99 14.14 -4.00 5.47
N SER A 100 13.24 -4.76 6.06
CA SER A 100 11.81 -4.44 6.06
C SER A 100 11.14 -5.22 7.15
N ALA A 101 9.90 -4.90 7.39
CA ALA A 101 9.06 -5.65 8.33
C ALA A 101 8.36 -6.76 7.52
N LEU A 102 9.07 -7.87 7.34
CA LEU A 102 8.50 -8.99 6.58
C LEU A 102 7.22 -9.45 7.25
N PRO A 103 6.23 -9.87 6.46
CA PRO A 103 6.35 -10.26 5.07
C PRO A 103 6.28 -9.16 4.02
N LYS A 104 6.04 -7.92 4.47
CA LYS A 104 6.01 -6.81 3.53
C LYS A 104 7.40 -6.44 2.99
N TYR A 105 7.45 -5.97 1.75
CA TYR A 105 8.65 -5.36 1.13
C TYR A 105 9.81 -6.32 1.08
N LYS A 106 9.51 -7.54 0.62
CA LYS A 106 10.56 -8.40 0.05
C LYS A 106 11.22 -7.68 -1.12
N GLY A 107 12.44 -8.09 -1.46
CA GLY A 107 13.11 -7.58 -2.67
C GLY A 107 13.96 -6.37 -2.31
N VAL A 108 13.99 -5.40 -3.22
CA VAL A 108 15.04 -4.40 -3.21
C VAL A 108 14.47 -3.01 -2.96
N PHE A 109 15.40 -2.08 -2.82
CA PHE A 109 15.03 -0.66 -2.66
C PHE A 109 14.11 -0.46 -1.47
N THR A 110 14.37 -1.11 -0.36
CA THR A 110 13.45 -1.07 0.76
C THR A 110 13.47 0.18 1.62
N SER A 111 14.39 1.12 1.37
CA SER A 111 14.28 2.48 1.91
C SER A 111 13.36 3.35 1.09
N ILE A 112 13.02 2.90 -0.11
CA ILE A 112 12.10 3.64 -1.02
C ILE A 112 10.69 3.06 -0.91
N THR A 113 10.56 1.74 -1.07
CA THR A 113 9.25 1.16 -1.29
C THR A 113 8.23 1.35 -0.13
N PRO A 114 8.62 1.26 1.14
CA PRO A 114 7.61 1.48 2.17
C PRO A 114 7.11 2.93 2.16
N ILE A 115 7.98 3.90 1.83
CA ILE A 115 7.56 5.32 1.92
C ILE A 115 6.63 5.56 0.73
N LEU A 116 7.02 5.09 -0.44
CA LEU A 116 6.26 5.25 -1.65
C LEU A 116 4.88 4.60 -1.53
N ASN A 117 4.77 3.57 -0.70
CA ASN A 117 3.50 2.89 -0.49
C ASN A 117 2.82 3.30 0.80
N ASN A 118 3.22 4.49 1.30
CA ASN A 118 2.40 5.20 2.30
C ASN A 118 2.44 4.60 3.70
N GLU A 119 3.51 3.85 3.98
CA GLU A 119 3.65 3.29 5.31
C GLU A 119 4.04 4.29 6.39
N LEU A 120 3.60 3.98 7.60
CA LEU A 120 3.95 4.77 8.78
C LEU A 120 5.04 4.11 9.61
N GLU A 121 5.36 2.84 9.30
CA GLU A 121 6.38 2.08 10.02
C GLU A 121 7.13 1.20 9.03
N SER A 122 8.33 0.77 9.45
CA SER A 122 9.03 -0.30 8.75
C SER A 122 9.63 -1.20 9.84
N GLY A 123 10.68 -1.93 9.48
CA GLY A 123 11.29 -2.84 10.45
C GLY A 123 12.55 -3.44 9.86
N VAL A 124 13.26 -4.18 10.73
CA VAL A 124 14.30 -5.11 10.28
C VAL A 124 13.90 -6.51 10.74
N THR A 125 14.24 -7.49 9.92
CA THR A 125 13.79 -8.88 10.16
C THR A 125 14.96 -9.83 10.00
N LEU A 126 15.29 -10.57 11.06
CA LEU A 126 16.27 -11.68 10.98
C LEU A 126 15.52 -12.93 10.56
N HIS A 127 15.98 -13.59 9.51
CA HIS A 127 15.29 -14.78 9.00
C HIS A 127 16.28 -15.80 8.47
N ARG A 128 15.81 -17.05 8.34
CA ARG A 128 16.60 -18.05 7.64
C ARG A 128 16.58 -17.76 6.17
N ILE A 129 17.68 -18.03 5.49
CA ILE A 129 17.71 -18.00 4.04
C ILE A 129 17.18 -19.29 3.46
N ASP A 130 16.13 -19.20 2.64
CA ASP A 130 15.71 -20.29 1.77
C ASP A 130 15.94 -19.92 0.32
N ASN A 131 15.46 -20.70 -0.64
CA ASN A 131 15.84 -20.45 -2.02
C ASN A 131 15.11 -19.27 -2.68
N GLY A 132 14.06 -18.78 -2.02
CA GLY A 132 13.38 -17.57 -2.54
C GLY A 132 13.96 -16.30 -1.96
N ILE A 133 13.43 -15.18 -2.44
CA ILE A 133 13.95 -13.86 -2.07
C ILE A 133 13.23 -13.33 -0.82
N ASP A 134 13.96 -13.31 0.30
CA ASP A 134 13.43 -12.87 1.57
C ASP A 134 12.20 -13.61 2.03
N THR A 135 12.13 -14.90 1.70
CA THR A 135 10.96 -15.71 1.97
C THR A 135 11.10 -16.67 3.17
N GLY A 136 12.32 -16.83 3.66
CA GLY A 136 12.58 -17.85 4.70
C GLY A 136 11.96 -17.50 6.05
N ASN A 137 11.97 -18.45 6.98
CA ASN A 137 11.21 -18.30 8.22
C ASN A 137 11.81 -17.22 9.10
N ILE A 138 10.94 -16.51 9.81
CA ILE A 138 11.33 -15.34 10.58
C ILE A 138 11.82 -15.78 11.96
N ILE A 139 12.99 -15.31 12.37
CA ILE A 139 13.55 -15.58 13.72
C ILE A 139 13.25 -14.44 14.69
N ASP A 140 13.39 -13.19 14.24
CA ASP A 140 13.13 -12.04 15.10
C ASP A 140 12.81 -10.85 14.19
N GLN A 141 12.08 -9.90 14.74
CA GLN A 141 11.77 -8.68 14.02
C GLN A 141 11.71 -7.51 14.97
N HIS A 142 12.19 -6.36 14.50
CA HIS A 142 12.00 -5.13 15.24
C HIS A 142 11.39 -4.06 14.31
N CYS A 143 10.19 -3.61 14.65
CA CYS A 143 9.53 -2.55 13.89
C CYS A 143 9.76 -1.21 14.53
N PHE A 144 9.73 -0.16 13.70
CA PHE A 144 10.04 1.19 14.14
C PHE A 144 9.32 2.18 13.21
N PRO A 145 9.10 3.43 13.68
CA PRO A 145 8.34 4.38 12.87
C PRO A 145 9.11 4.96 11.69
N ILE A 146 8.36 5.20 10.61
CA ILE A 146 8.85 6.14 9.58
C ILE A 146 8.22 7.48 9.95
N ASP A 147 9.02 8.39 10.52
CA ASP A 147 8.46 9.69 10.89
C ASP A 147 8.00 10.44 9.65
N ILE A 148 7.05 11.36 9.85
CA ILE A 148 6.36 11.93 8.70
C ILE A 148 7.26 12.64 7.69
N ASN A 149 8.37 13.23 8.16
CA ASN A 149 9.27 13.89 7.23
C ASN A 149 10.58 13.18 6.98
N ASP A 150 10.63 11.92 7.40
CA ASP A 150 11.81 11.11 7.09
C ASP A 150 11.97 10.90 5.59
N THR A 151 13.22 10.87 5.13
CA THR A 151 13.52 10.56 3.75
C THR A 151 13.98 9.09 3.63
N ALA A 152 14.16 8.64 2.40
CA ALA A 152 14.74 7.30 2.16
C ALA A 152 16.08 7.18 2.86
N ARG A 153 16.94 8.21 2.83
CA ARG A 153 18.22 8.15 3.52
C ARG A 153 18.02 8.01 5.02
N ASP A 154 17.10 8.75 5.63
CA ASP A 154 16.85 8.61 7.05
C ASP A 154 16.41 7.18 7.40
N LEU A 155 15.50 6.66 6.60
CA LEU A 155 15.07 5.28 6.75
C LEU A 155 16.23 4.30 6.66
N TYR A 156 17.11 4.45 5.66
CA TYR A 156 18.25 3.56 5.52
C TYR A 156 19.13 3.58 6.74
N PHE A 157 19.44 4.76 7.28
CA PHE A 157 20.29 4.84 8.48
C PHE A 157 19.57 4.25 9.70
N ASN A 158 18.25 4.28 9.77
CA ASN A 158 17.54 3.48 10.79
C ASN A 158 17.69 1.99 10.57
N TYR A 159 17.57 1.50 9.34
CA TYR A 159 17.85 0.06 9.10
C TYR A 159 19.23 -0.29 9.59
N LEU A 160 20.25 0.50 9.27
CA LEU A 160 21.59 0.16 9.70
C LEU A 160 21.68 0.05 11.19
N LYS A 161 21.04 0.96 11.94
CA LYS A 161 21.12 1.03 13.39
C LYS A 161 20.37 -0.17 13.98
N TYR A 162 19.12 -0.36 13.59
CA TYR A 162 18.28 -1.38 14.16
C TYR A 162 18.70 -2.75 13.67
N GLY A 163 19.26 -2.84 12.46
CA GLY A 163 19.76 -4.12 11.94
C GLY A 163 20.98 -4.56 12.73
N GLU A 164 21.88 -3.64 13.05
CA GLU A 164 23.03 -3.98 13.87
C GLU A 164 22.58 -4.46 15.25
N SER A 165 21.58 -3.82 15.81
CA SER A 165 21.08 -4.20 17.12
CA SER A 165 21.05 -4.18 17.12
C SER A 165 20.43 -5.58 17.11
N ILE A 166 19.64 -5.89 16.09
CA ILE A 166 18.97 -7.19 16.08
C ILE A 166 20.00 -8.28 15.86
N PHE A 167 21.10 -7.99 15.15
CA PHE A 167 22.21 -8.93 15.06
C PHE A 167 22.76 -9.26 16.45
N LYS A 168 23.12 -8.22 17.18
CA LYS A 168 23.73 -8.38 18.51
C LYS A 168 22.79 -9.14 19.44
N LYS A 169 21.49 -8.89 19.33
CA LYS A 169 20.47 -9.45 20.21
C LYS A 169 20.35 -10.97 19.98
N ASN A 170 20.55 -11.44 18.75
CA ASN A 170 20.23 -12.82 18.38
C ASN A 170 21.44 -13.69 18.09
N ILE A 171 22.63 -13.10 18.00
CA ILE A 171 23.76 -13.86 17.46
C ILE A 171 24.13 -15.07 18.36
N GLN A 172 24.03 -14.92 19.68
CA GLN A 172 24.44 -16.06 20.51
C GLN A 172 23.53 -17.27 20.31
N THR A 173 22.21 -17.05 20.18
CA THR A 173 21.29 -18.14 19.90
C THR A 173 21.51 -18.76 18.51
N ILE A 174 21.99 -17.94 17.57
CA ILE A 174 22.35 -18.48 16.28
C ILE A 174 23.59 -19.35 16.35
N ILE A 175 24.63 -18.86 17.04
CA ILE A 175 25.84 -19.66 17.22
C ILE A 175 25.55 -20.95 17.98
N ASN A 176 24.65 -20.87 18.95
CA ASN A 176 24.33 -22.05 19.75
C ASN A 176 23.24 -22.91 19.13
N ASN A 177 22.73 -22.48 17.98
CA ASN A 177 21.67 -23.18 17.26
C ASN A 177 20.46 -23.47 18.13
N SER A 178 20.03 -22.47 18.87
CA SER A 178 18.96 -22.58 19.84
C SER A 178 17.83 -21.59 19.56
N TYR A 179 17.86 -20.96 18.40
CA TYR A 179 16.82 -19.99 18.03
C TYR A 179 15.49 -20.66 17.68
N LYS A 180 14.44 -19.85 17.67
CA LYS A 180 13.12 -20.31 17.23
C LYS A 180 12.74 -19.52 15.99
N ASP A 181 11.97 -20.14 15.10
CA ASP A 181 11.46 -19.41 13.91
C ASP A 181 10.05 -19.79 13.55
N LEU A 182 9.44 -19.02 12.65
CA LEU A 182 8.04 -19.22 12.26
CA LEU A 182 8.05 -19.26 12.24
C LEU A 182 7.92 -18.92 10.76
N LYS A 183 7.24 -19.75 9.99
CA LYS A 183 7.04 -19.47 8.58
C LYS A 183 6.34 -18.13 8.32
N GLN A 184 6.69 -17.50 7.20
CA GLN A 184 5.98 -16.25 6.85
C GLN A 184 4.57 -16.56 6.34
N THR A 185 3.64 -15.66 6.64
CA THR A 185 2.26 -15.69 6.11
CA THR A 185 2.29 -15.76 6.10
C THR A 185 2.22 -15.41 4.60
N ASN A 186 1.19 -15.92 3.91
CA ASN A 186 0.90 -15.51 2.54
C ASN A 186 0.30 -14.09 2.50
N ILE A 187 -0.50 -13.75 3.49
CA ILE A 187 -1.20 -12.47 3.42
CA ILE A 187 -1.23 -12.48 3.54
C ILE A 187 -0.21 -11.39 3.84
N ASN A 188 -0.40 -10.20 3.27
CA ASN A 188 0.48 -9.05 3.47
C ASN A 188 1.82 -9.14 2.76
N SER A 189 2.15 -10.25 2.14
CA SER A 189 3.47 -10.42 1.52
C SER A 189 3.47 -9.55 0.28
N SER A 190 4.53 -8.75 0.17
CA SER A 190 4.73 -7.91 -1.02
C SER A 190 6.21 -7.93 -1.41
N TYR A 191 6.49 -7.55 -2.66
CA TYR A 191 7.80 -7.75 -3.26
C TYR A 191 8.00 -6.70 -4.32
N PHE A 192 9.20 -6.11 -4.36
CA PHE A 192 9.53 -5.18 -5.43
C PHE A 192 10.89 -5.53 -6.02
N SER A 193 11.00 -5.52 -7.34
CA SER A 193 12.26 -5.74 -8.02
C SER A 193 12.84 -4.45 -8.53
N ARG A 194 14.07 -4.49 -9.02
CA ARG A 194 14.74 -3.27 -9.45
C ARG A 194 13.93 -2.62 -10.58
N LYS A 195 13.35 -3.41 -11.48
CA LYS A 195 12.54 -2.88 -12.57
C LYS A 195 11.23 -2.23 -12.13
N ASP A 196 10.75 -2.52 -10.93
CA ASP A 196 9.52 -1.91 -10.46
C ASP A 196 9.71 -0.43 -10.08
N ILE A 197 10.94 0.00 -9.88
CA ILE A 197 11.18 1.34 -9.35
C ILE A 197 11.98 2.12 -10.40
N ASN A 198 11.43 3.25 -10.85
CA ASN A 198 12.21 4.19 -11.67
C ASN A 198 12.85 5.22 -10.75
N LEU A 199 14.16 5.17 -10.66
CA LEU A 199 14.86 6.03 -9.71
C LEU A 199 14.87 7.51 -10.11
N VAL A 200 14.48 7.80 -11.34
CA VAL A 200 14.21 9.17 -11.76
C VAL A 200 12.71 9.31 -11.67
N HIS A 201 12.23 9.66 -10.48
CA HIS A 201 10.79 9.68 -10.24
C HIS A 201 10.13 10.93 -10.84
N LYS A 202 9.05 10.68 -11.57
CA LYS A 202 8.20 11.75 -12.09
C LYS A 202 6.99 11.82 -11.17
N ILE A 203 6.77 12.95 -10.52
CA ILE A 203 5.72 13.08 -9.52
C ILE A 203 4.35 13.24 -10.17
N ASN A 204 3.39 12.48 -9.65
CA ASN A 204 2.00 12.65 -9.96
C ASN A 204 1.41 13.61 -8.93
N PHE A 205 1.06 14.83 -9.39
CA PHE A 205 0.52 15.85 -8.51
C PHE A 205 -1.00 15.76 -8.30
N LYS A 206 -1.65 14.90 -9.07
CA LYS A 206 -3.08 14.67 -8.91
C LYS A 206 -3.32 13.59 -7.85
N LYS A 207 -2.84 13.91 -6.65
CA LYS A 207 -2.75 12.96 -5.55
C LYS A 207 -2.94 13.77 -4.27
N THR A 208 -3.11 13.14 -3.14
CA THR A 208 -3.19 13.83 -1.87
C THR A 208 -1.84 14.47 -1.53
N SER A 209 -1.88 15.44 -0.61
CA SER A 209 -0.60 16.00 -0.11
C SER A 209 0.30 14.90 0.48
N PHE A 210 -0.27 14.02 1.28
CA PHE A 210 0.52 12.91 1.88
C PHE A 210 1.16 12.09 0.76
N GLU A 211 0.43 11.77 -0.30
CA GLU A 211 1.03 11.05 -1.43
C GLU A 211 2.09 11.83 -2.20
N ILE A 212 1.90 13.14 -2.42
CA ILE A 212 2.92 13.88 -3.16
C ILE A 212 4.18 13.98 -2.30
N HIS A 213 3.98 14.23 -1.02
CA HIS A 213 5.08 14.27 -0.05
C HIS A 213 5.85 12.95 -0.02
N ASN A 214 5.10 11.84 -0.02
CA ASN A 214 5.77 10.54 0.02
C ASN A 214 6.51 10.25 -1.27
N GLN A 215 5.94 10.60 -2.41
CA GLN A 215 6.68 10.48 -3.65
C GLN A 215 7.98 11.26 -3.66
N ILE A 216 7.99 12.45 -3.10
CA ILE A 216 9.22 13.22 -3.02
C ILE A 216 10.22 12.57 -2.07
N ARG A 217 9.82 12.36 -0.83
CA ARG A 217 10.82 11.97 0.19
C ARG A 217 11.30 10.52 -0.02
N ALA A 218 10.49 9.68 -0.67
CA ALA A 218 10.95 8.32 -0.97
C ALA A 218 12.19 8.30 -1.83
N PHE A 219 12.47 9.34 -2.60
CA PHE A 219 13.63 9.37 -3.48
C PHE A 219 14.77 10.30 -3.00
N ILE A 220 14.58 10.85 -1.81
CA ILE A 220 15.64 11.69 -1.25
C ILE A 220 16.70 10.76 -0.62
N PHE A 221 17.79 10.59 -1.33
CA PHE A 221 18.93 9.81 -0.77
C PHE A 221 20.17 10.31 -1.50
N GLN A 222 20.70 11.42 -0.99
CA GLN A 222 21.59 12.28 -1.81
C GLN A 222 22.83 11.55 -2.32
N GLU A 223 23.36 10.58 -1.56
CA GLU A 223 24.46 9.73 -2.06
C GLU A 223 24.19 9.06 -3.41
N TYR A 224 22.91 8.82 -3.73
CA TYR A 224 22.47 8.27 -4.99
C TYR A 224 21.74 9.26 -5.91
N GLN A 225 20.64 9.86 -5.42
CA GLN A 225 19.92 10.83 -6.26
C GLN A 225 19.04 11.67 -5.38
N LEU A 226 18.55 12.79 -5.93
CA LEU A 226 17.47 13.55 -5.35
C LEU A 226 16.39 13.75 -6.41
N PRO A 227 15.13 13.80 -5.98
CA PRO A 227 14.04 14.04 -6.92
C PRO A 227 14.12 15.48 -7.44
N ILE A 228 13.74 15.65 -8.70
CA ILE A 228 13.86 16.97 -9.35
C ILE A 228 12.47 17.53 -9.64
N ILE A 229 12.25 18.80 -9.30
CA ILE A 229 11.00 19.49 -9.67
C ILE A 229 11.44 20.72 -10.49
N ASN A 230 10.93 20.88 -11.71
CA ASN A 230 11.36 21.98 -12.60
C ASN A 230 12.87 22.19 -12.61
N ASN A 231 13.65 21.15 -12.90
CA ASN A 231 15.12 21.30 -12.84
C ASN A 231 15.82 21.77 -11.54
N SER A 232 15.10 21.75 -10.41
CA SER A 232 15.74 21.86 -9.09
C SER A 232 15.66 20.55 -8.30
N LYS A 233 16.81 20.15 -7.77
CA LYS A 233 16.89 19.05 -6.84
C LYS A 233 16.27 19.42 -5.49
N ILE A 234 15.54 18.46 -4.93
CA ILE A 234 14.88 18.64 -3.64
C ILE A 234 15.62 17.86 -2.55
N ILE A 235 15.96 18.52 -1.44
CA ILE A 235 16.70 17.89 -0.35
C ILE A 235 15.81 17.54 0.85
N LYS A 236 14.61 18.11 0.98
CA LYS A 236 13.77 17.83 2.15
C LYS A 236 12.35 18.18 1.78
N SER A 237 11.39 17.34 2.20
CA SER A 237 9.98 17.67 2.11
C SER A 237 9.39 17.73 3.51
N ILE A 238 8.56 18.76 3.74
CA ILE A 238 7.92 18.97 5.03
CA ILE A 238 7.92 18.97 5.03
C ILE A 238 6.41 19.00 4.85
N LEU A 239 5.70 18.07 5.47
CA LEU A 239 4.22 18.02 5.35
C LEU A 239 3.58 18.51 6.62
N ALA A 240 2.68 19.51 6.47
CA ALA A 240 1.94 20.06 7.62
C ALA A 240 0.46 19.73 7.55
N ASN A 241 -0.23 19.92 8.66
CA ASN A 241 -1.68 19.73 8.62
CA ASN A 241 -1.68 19.76 8.74
C ASN A 241 -2.45 21.02 8.37
N GLU A 242 -1.73 22.02 7.88
CA GLU A 242 -2.36 23.29 7.54
C GLU A 242 -3.00 23.21 6.17
N PHE A 243 -4.29 23.57 6.07
CA PHE A 243 -5.00 23.58 4.80
C PHE A 243 -4.70 24.91 4.09
N ILE A 244 -4.22 24.85 2.85
CA ILE A 244 -3.90 26.05 2.08
C ILE A 244 -4.63 26.14 0.75
N GLY A 245 -5.68 25.33 0.63
CA GLY A 245 -6.38 25.27 -0.65
C GLY A 245 -5.92 24.09 -1.48
N TYR A 246 -6.78 23.65 -2.39
CA TYR A 246 -6.49 22.44 -3.20
C TYR A 246 -5.53 22.73 -4.33
N ASN A 247 -4.62 21.79 -4.63
CA ASN A 247 -3.85 21.82 -5.85
C ASN A 247 -2.99 23.07 -6.00
N VAL A 248 -2.38 23.47 -4.89
CA VAL A 248 -1.43 24.58 -4.92
C VAL A 248 -0.10 24.14 -5.54
N PHE A 249 0.51 24.95 -6.39
CA PHE A 249 1.89 24.75 -6.77
C PHE A 249 2.56 26.08 -7.08
N GLU A 250 3.52 26.48 -6.25
CA GLU A 250 4.26 27.70 -6.52
CA GLU A 250 4.23 27.74 -6.43
C GLU A 250 5.73 27.54 -6.23
N GLU A 251 6.54 27.98 -7.18
CA GLU A 251 7.99 27.94 -7.08
C GLU A 251 8.59 29.23 -6.57
N PHE A 252 9.49 29.12 -5.60
CA PHE A 252 10.24 30.28 -5.06
C PHE A 252 11.72 29.96 -5.20
N GLU A 253 12.57 30.93 -4.92
CA GLU A 253 14.01 30.72 -5.11
C GLU A 253 14.54 29.49 -4.37
N ASN A 254 14.07 29.29 -3.14
CA ASN A 254 14.68 28.26 -2.27
C ASN A 254 13.78 27.06 -1.97
N TYR A 255 12.56 27.07 -2.45
CA TYR A 255 11.60 26.01 -2.08
C TYR A 255 10.37 26.10 -3.00
N PHE A 256 9.55 25.05 -3.00
CA PHE A 256 8.23 25.05 -3.57
C PHE A 256 7.21 24.94 -2.48
N ILE A 257 6.06 25.57 -2.66
CA ILE A 257 4.91 25.31 -1.82
C ILE A 257 3.92 24.52 -2.67
N ILE A 258 3.46 23.38 -2.13
CA ILE A 258 2.65 22.46 -2.91
C ILE A 258 1.49 21.97 -2.04
N SER A 259 0.32 21.74 -2.64
CA SER A 259 -0.68 20.90 -1.94
C SER A 259 -1.32 20.04 -3.01
N GLY A 260 -1.87 18.91 -2.55
CA GLY A 260 -2.59 18.08 -3.50
C GLY A 260 -4.08 18.24 -3.37
N ILE A 261 -4.79 17.17 -3.74
CA ILE A 261 -6.26 17.24 -3.88
C ILE A 261 -7.00 17.46 -2.57
N ASP A 262 -6.31 17.26 -1.45
CA ASP A 262 -6.86 17.52 -0.13
C ASP A 262 -6.32 18.79 0.57
N GLY A 263 -5.40 19.43 -0.11
CA GLY A 263 -5.10 20.82 0.25
C GLY A 263 -4.10 21.06 1.36
N PHE A 264 -3.42 20.02 1.89
CA PHE A 264 -2.47 20.26 2.98
C PHE A 264 -1.11 20.74 2.52
N LYS A 265 -0.51 21.67 3.28
CA LYS A 265 0.73 22.33 2.86
C LYS A 265 1.96 21.43 2.91
N ILE A 266 2.63 21.36 1.76
CA ILE A 266 3.98 20.79 1.64
C ILE A 266 4.97 21.94 1.35
N ILE A 267 6.13 21.92 2.00
CA ILE A 267 7.26 22.74 1.58
C ILE A 267 8.32 21.80 1.07
N ALA A 268 8.68 21.92 -0.20
CA ALA A 268 9.72 21.10 -0.78
C ALA A 268 10.96 21.97 -0.91
N GLN A 269 11.95 21.73 -0.06
CA GLN A 269 13.12 22.62 0.04
C GLN A 269 14.14 22.25 -1.02
N LYS A 270 14.61 23.23 -1.82
CA LYS A 270 15.59 22.96 -2.85
C LYS A 270 16.97 22.74 -2.23
N LEU A 271 17.76 21.86 -2.87
CA LEU A 271 19.14 21.70 -2.43
C LEU A 271 19.89 23.00 -2.64
N ASN A 272 20.63 23.38 -1.62
CA ASN A 272 21.28 24.71 -1.60
C ASN A 272 22.24 24.96 -2.77
N LYS A 273 22.62 23.93 -3.51
CA LYS A 273 23.68 24.07 -4.52
C LYS A 273 23.30 25.00 -5.66
N GLY B 1 -40.95 27.95 4.79
CA GLY B 1 -40.61 27.95 3.33
C GLY B 1 -40.74 26.57 2.70
N HIS B 2 -39.80 26.26 1.82
CA HIS B 2 -40.06 25.54 0.57
C HIS B 2 -40.82 24.22 0.74
N MET B 3 -41.55 23.81 -0.29
CA MET B 3 -42.13 22.46 -0.34
C MET B 3 -41.03 21.38 -0.21
N ILE B 4 -39.97 21.51 -0.99
CA ILE B 4 -38.94 20.48 -1.11
C ILE B 4 -38.00 20.50 0.09
N LYS B 5 -37.87 19.35 0.74
CA LYS B 5 -37.03 19.21 1.93
C LYS B 5 -35.69 18.49 1.65
N ILE B 6 -35.64 17.66 0.62
CA ILE B 6 -34.52 16.72 0.45
C ILE B 6 -34.34 16.36 -1.02
N CYS B 7 -33.08 16.22 -1.44
CA CYS B 7 -32.76 15.73 -2.78
C CYS B 7 -31.90 14.52 -2.57
N ILE B 8 -32.28 13.47 -3.29
CA ILE B 8 -31.42 12.31 -3.42
C ILE B 8 -30.83 12.34 -4.80
N ALA B 9 -29.49 12.42 -4.85
CA ALA B 9 -28.79 12.51 -6.10
C ALA B 9 -27.89 11.26 -6.15
N GLY B 10 -27.97 10.57 -7.28
CA GLY B 10 -27.02 9.47 -7.51
C GLY B 10 -27.72 8.29 -8.15
N LYS B 11 -27.33 7.09 -7.71
CA LYS B 11 -27.69 5.88 -8.47
C LYS B 11 -27.63 4.61 -7.62
N ASN B 12 -28.18 3.55 -8.22
CA ASN B 12 -27.95 2.17 -7.78
C ASN B 12 -28.69 1.83 -6.50
N ASN B 13 -28.48 0.61 -5.98
CA ASN B 13 -29.34 0.16 -4.90
C ASN B 13 -29.27 1.05 -3.69
N ILE B 14 -28.11 1.65 -3.43
CA ILE B 14 -27.99 2.50 -2.26
C ILE B 14 -28.89 3.74 -2.35
N ALA B 15 -28.93 4.37 -3.52
CA ALA B 15 -29.77 5.56 -3.72
C ALA B 15 -31.25 5.15 -3.63
N VAL B 16 -31.62 4.08 -4.33
CA VAL B 16 -33.04 3.69 -4.35
C VAL B 16 -33.50 3.25 -2.98
N ASN B 17 -32.73 2.40 -2.28
CA ASN B 17 -33.15 1.91 -0.99
C ASN B 17 -33.18 2.98 0.08
N SER B 18 -32.28 3.96 -0.05
CA SER B 18 -32.25 5.08 0.87
C SER B 18 -33.47 5.99 0.65
N LEU B 19 -33.75 6.29 -0.62
CA LEU B 19 -34.96 7.02 -1.00
C LEU B 19 -36.21 6.28 -0.49
N GLN B 20 -36.30 4.98 -0.71
CA GLN B 20 -37.48 4.22 -0.27
C GLN B 20 -37.62 4.36 1.25
N PHE B 21 -36.50 4.34 1.97
CA PHE B 21 -36.51 4.45 3.41
C PHE B 21 -37.02 5.81 3.85
N ILE B 22 -36.58 6.90 3.21
CA ILE B 22 -37.04 8.23 3.62
C ILE B 22 -38.53 8.43 3.28
N LEU B 23 -38.99 7.81 2.21
CA LEU B 23 -40.38 7.95 1.75
C LEU B 23 -41.27 7.18 2.73
N LYS B 24 -40.76 6.05 3.20
CA LYS B 24 -41.45 5.25 4.19
C LYS B 24 -41.60 5.99 5.52
N ASN B 25 -40.54 6.66 5.96
CA ASN B 25 -40.38 6.99 7.37
C ASN B 25 -40.32 8.49 7.69
N TYR B 26 -40.11 9.35 6.70
CA TYR B 26 -39.73 10.73 6.99
C TYR B 26 -40.42 11.80 6.17
N PHE B 27 -40.58 11.56 4.87
CA PHE B 27 -41.01 12.61 3.94
C PHE B 27 -42.03 12.06 2.96
N GLU B 28 -42.91 12.92 2.45
CA GLU B 28 -43.85 12.51 1.41
C GLU B 28 -43.25 12.78 0.04
N ALA B 29 -43.82 12.16 -0.98
CA ALA B 29 -43.31 12.32 -2.33
C ALA B 29 -43.12 13.77 -2.78
N ASP B 30 -44.04 14.65 -2.36
CA ASP B 30 -44.01 16.03 -2.87
C ASP B 30 -43.02 16.92 -2.11
N GLN B 31 -42.32 16.33 -1.13
CA GLN B 31 -41.22 16.97 -0.41
C GLN B 31 -39.84 16.49 -0.85
N ILE B 32 -39.78 15.64 -1.89
CA ILE B 32 -38.53 15.00 -2.29
C ILE B 32 -38.26 15.31 -3.76
N VAL B 33 -37.01 15.54 -4.12
CA VAL B 33 -36.67 15.54 -5.53
C VAL B 33 -35.49 14.59 -5.73
N VAL B 34 -35.24 14.21 -6.98
CA VAL B 34 -34.06 13.40 -7.24
C VAL B 34 -33.28 13.96 -8.43
N ILE B 35 -31.97 13.75 -8.38
CA ILE B 35 -31.16 13.99 -9.55
C ILE B 35 -30.46 12.65 -9.86
N PRO B 36 -31.01 11.94 -10.84
CA PRO B 36 -30.32 10.71 -11.25
C PRO B 36 -29.01 11.07 -11.92
N ASN B 37 -28.08 10.11 -11.97
CA ASN B 37 -26.90 10.24 -12.80
C ASN B 37 -27.20 10.26 -14.29
N LYS B 38 -26.25 10.78 -15.07
CA LYS B 38 -26.47 11.08 -16.47
C LYS B 38 -26.73 9.80 -17.26
N ASN B 39 -26.15 8.69 -16.82
CA ASN B 39 -26.29 7.43 -17.53
C ASN B 39 -27.54 6.61 -17.19
N ASP B 40 -28.34 7.09 -16.23
CA ASP B 40 -29.54 6.36 -15.78
C ASP B 40 -30.59 6.39 -16.89
N LYS B 41 -30.88 5.23 -17.46
CA LYS B 41 -31.87 5.13 -18.53
C LYS B 41 -33.23 4.68 -18.01
N GLY B 42 -33.39 4.59 -16.69
CA GLY B 42 -34.66 4.21 -16.08
C GLY B 42 -34.99 2.72 -16.10
N ILE B 43 -33.98 1.86 -16.25
CA ILE B 43 -34.17 0.40 -16.28
C ILE B 43 -33.55 -0.30 -15.06
N ASP B 44 -34.32 -1.13 -14.34
CA ASP B 44 -33.79 -1.94 -13.25
C ASP B 44 -32.97 -3.05 -13.90
N SER B 45 -31.70 -3.16 -13.56
CA SER B 45 -30.82 -4.14 -14.18
CA SER B 45 -30.83 -4.14 -14.18
C SER B 45 -30.13 -4.91 -13.07
N TRP B 46 -28.79 -5.01 -13.11
CA TRP B 46 -28.12 -5.63 -11.97
C TRP B 46 -28.12 -4.71 -10.73
N GLN B 47 -28.46 -3.44 -10.97
CA GLN B 47 -28.83 -2.52 -9.90
C GLN B 47 -30.20 -1.89 -10.18
N LYS B 48 -30.87 -1.51 -9.13
CA LYS B 48 -32.09 -0.71 -9.31
C LYS B 48 -31.81 0.70 -9.83
N SER B 49 -32.77 1.24 -10.57
CA SER B 49 -32.69 2.55 -11.22
C SER B 49 -33.37 3.62 -10.37
N LEU B 50 -32.63 4.67 -10.02
CA LEU B 50 -33.22 5.77 -9.24
C LEU B 50 -34.27 6.55 -10.05
N LEU B 51 -33.98 6.80 -11.31
CA LEU B 51 -34.96 7.44 -12.21
C LEU B 51 -36.27 6.62 -12.24
N LYS B 52 -36.15 5.30 -12.42
CA LYS B 52 -37.36 4.45 -12.41
C LYS B 52 -38.12 4.55 -11.12
N PHE B 53 -37.43 4.43 -9.99
CA PHE B 53 -38.10 4.53 -8.71
C PHE B 53 -38.85 5.87 -8.61
N ALA B 54 -38.16 6.95 -8.97
CA ALA B 54 -38.80 8.27 -8.90
C ALA B 54 -40.06 8.31 -9.76
N LEU B 55 -39.94 7.90 -11.01
CA LEU B 55 -41.11 7.91 -11.90
C LEU B 55 -42.22 7.05 -11.31
N ASP B 56 -41.88 5.85 -10.81
CA ASP B 56 -42.89 4.96 -10.24
C ASP B 56 -43.59 5.48 -8.98
N ASN B 57 -42.96 6.43 -8.28
CA ASN B 57 -43.49 6.87 -7.02
C ASN B 57 -43.80 8.37 -7.01
N ASN B 58 -43.84 8.98 -8.19
CA ASN B 58 -44.32 10.36 -8.31
CA ASN B 58 -44.29 10.36 -8.35
C ASN B 58 -43.38 11.38 -7.66
N ILE B 59 -42.08 11.17 -7.79
CA ILE B 59 -41.06 12.05 -7.19
C ILE B 59 -40.41 12.79 -8.34
N LYS B 60 -40.40 14.13 -8.24
CA LYS B 60 -39.92 15.01 -9.30
C LYS B 60 -38.43 14.84 -9.62
N ILE B 61 -38.12 14.80 -10.92
CA ILE B 61 -36.73 14.77 -11.39
C ILE B 61 -36.30 16.21 -11.64
N VAL B 62 -35.12 16.59 -11.15
CA VAL B 62 -34.68 17.98 -11.22
C VAL B 62 -33.24 18.06 -11.70
N THR B 63 -32.78 19.28 -11.93
CA THR B 63 -31.36 19.55 -12.12
C THR B 63 -30.80 20.25 -10.89
N LEU B 64 -29.47 20.32 -10.85
CA LEU B 64 -28.77 21.04 -9.79
C LEU B 64 -29.25 22.50 -9.78
N ASP B 65 -29.27 23.10 -10.96
CA ASP B 65 -29.69 24.51 -11.11
C ASP B 65 -30.99 24.74 -10.37
N GLU B 66 -31.89 23.76 -10.38
CA GLU B 66 -33.20 23.93 -9.77
C GLU B 66 -33.19 23.90 -8.27
N ILE B 67 -32.14 23.38 -7.64
CA ILE B 67 -32.16 23.27 -6.20
C ILE B 67 -31.19 24.22 -5.46
N TYR B 68 -30.31 24.89 -6.19
CA TYR B 68 -29.22 25.68 -5.56
C TYR B 68 -29.86 26.70 -4.62
N ASN B 69 -30.88 27.41 -5.09
CA ASN B 69 -31.41 28.49 -4.25
C ASN B 69 -32.46 28.02 -3.24
N ILE B 70 -32.59 26.71 -3.05
CA ILE B 70 -33.59 26.21 -2.11
C ILE B 70 -33.12 26.16 -0.66
N GLU B 71 -33.69 27.04 0.16
CA GLU B 71 -33.24 27.20 1.54
C GLU B 71 -33.40 25.92 2.32
N GLN B 72 -32.34 25.55 3.03
CA GLN B 72 -32.39 24.48 4.02
C GLN B 72 -32.60 23.05 3.48
N ILE B 73 -32.55 22.87 2.16
CA ILE B 73 -32.65 21.53 1.57
C ILE B 73 -31.50 20.65 2.08
N ILE B 74 -31.82 19.38 2.37
CA ILE B 74 -30.80 18.34 2.59
C ILE B 74 -30.43 17.76 1.24
N PHE B 75 -29.15 17.89 0.88
CA PHE B 75 -28.69 17.33 -0.37
C PHE B 75 -27.84 16.12 -0.03
N PHE B 76 -28.29 14.96 -0.51
CA PHE B 76 -27.58 13.71 -0.23
C PHE B 76 -27.11 13.09 -1.54
N SER B 77 -25.79 12.93 -1.64
CA SER B 77 -25.17 12.23 -2.75
C SER B 77 -24.90 10.79 -2.34
N LEU B 78 -25.50 9.91 -3.15
CA LEU B 78 -25.36 8.45 -2.96
C LEU B 78 -24.93 7.94 -4.34
N GLU B 79 -23.62 7.92 -4.55
CA GLU B 79 -23.04 7.61 -5.85
C GLU B 79 -23.32 8.58 -6.97
N PHE B 80 -23.47 9.87 -6.60
CA PHE B 80 -23.72 10.96 -7.54
C PHE B 80 -22.49 11.27 -8.40
N ASP B 81 -22.70 11.61 -9.66
CA ASP B 81 -21.62 11.70 -10.62
C ASP B 81 -21.09 13.14 -10.87
N GLN B 82 -21.73 14.15 -10.27
CA GLN B 82 -21.34 15.55 -10.52
C GLN B 82 -20.69 16.17 -9.31
N ILE B 83 -19.51 16.77 -9.54
CA ILE B 83 -18.81 17.58 -8.52
C ILE B 83 -19.58 18.88 -8.31
N ILE B 84 -19.98 19.12 -7.07
CA ILE B 84 -20.74 20.34 -6.77
C ILE B 84 -19.74 21.40 -6.29
N LYS B 85 -20.16 22.65 -6.41
CA LYS B 85 -19.42 23.76 -5.82
C LYS B 85 -20.32 24.26 -4.69
N ILE B 86 -19.83 24.21 -3.46
CA ILE B 86 -20.70 24.41 -2.35
C ILE B 86 -21.28 25.83 -2.27
N GLU B 87 -20.59 26.79 -2.86
CA GLU B 87 -21.04 28.19 -2.76
C GLU B 87 -22.25 28.41 -3.66
N ASN B 88 -22.54 27.46 -4.55
CA ASN B 88 -23.75 27.55 -5.39
C ASN B 88 -24.96 27.39 -4.48
N PHE B 89 -24.81 26.70 -3.37
CA PHE B 89 -25.94 26.24 -2.59
C PHE B 89 -26.21 27.23 -1.49
N LYS B 90 -27.46 27.68 -1.41
CA LYS B 90 -27.90 28.35 -0.19
C LYS B 90 -27.76 27.50 1.05
N SER B 91 -28.17 26.23 0.99
CA SER B 91 -28.05 25.34 2.13
C SER B 91 -26.61 24.84 2.35
N ASP B 92 -26.30 24.50 3.59
CA ASP B 92 -25.02 23.85 3.92
C ASP B 92 -25.23 22.45 4.44
N ARG B 93 -26.40 21.89 4.13
CA ARG B 93 -26.73 20.52 4.51
C ARG B 93 -26.44 19.58 3.32
N LEU B 94 -25.15 19.36 3.07
CA LEU B 94 -24.68 18.68 1.88
C LEU B 94 -23.85 17.48 2.33
N PHE B 95 -24.33 16.28 1.99
CA PHE B 95 -23.77 15.03 2.52
C PHE B 95 -23.57 13.99 1.44
N ASN B 96 -22.58 13.13 1.73
CA ASN B 96 -22.19 12.04 0.84
C ASN B 96 -21.87 10.79 1.66
N ILE B 97 -22.20 9.63 1.09
CA ILE B 97 -21.60 8.38 1.55
C ILE B 97 -20.58 7.89 0.53
N HIS B 98 -19.32 7.89 0.99
CA HIS B 98 -18.22 7.45 0.13
C HIS B 98 -17.84 6.00 0.46
N PHE B 99 -17.64 5.30 -0.64
CA PHE B 99 -17.26 3.86 -0.58
C PHE B 99 -15.76 3.64 -0.35
N SER B 100 -15.29 4.12 0.78
CA SER B 100 -13.97 3.73 1.32
C SER B 100 -13.91 4.06 2.80
N ALA B 101 -12.89 3.58 3.49
CA ALA B 101 -12.57 4.01 4.85
C ALA B 101 -11.68 5.26 4.75
N LEU B 102 -12.33 6.41 4.61
CA LEU B 102 -11.58 7.65 4.54
C LEU B 102 -10.76 7.82 5.81
N PRO B 103 -9.58 8.45 5.68
CA PRO B 103 -9.10 9.24 4.54
C PRO B 103 -8.47 8.48 3.37
N LYS B 104 -8.37 7.15 3.48
CA LYS B 104 -7.84 6.38 2.35
C LYS B 104 -8.86 6.28 1.20
N TYR B 105 -8.33 6.20 -0.02
CA TYR B 105 -9.09 5.87 -1.23
C TYR B 105 -10.19 6.87 -1.52
N LYS B 106 -9.83 8.14 -1.41
CA LYS B 106 -10.63 9.18 -2.06
C LYS B 106 -10.62 8.94 -3.56
N GLY B 107 -11.56 9.56 -4.27
CA GLY B 107 -11.58 9.44 -5.71
C GLY B 107 -12.40 8.22 -6.15
N VAL B 108 -11.97 7.59 -7.23
CA VAL B 108 -12.84 6.68 -7.99
C VAL B 108 -12.36 5.23 -7.96
N PHE B 109 -13.18 4.36 -8.53
CA PHE B 109 -12.86 2.92 -8.62
C PHE B 109 -12.50 2.34 -7.27
N THR B 110 -13.27 2.67 -6.23
CA THR B 110 -12.93 2.22 -4.88
C THR B 110 -13.21 0.75 -4.59
N SER B 111 -13.83 0.03 -5.51
CA SER B 111 -13.93 -1.44 -5.38
C SER B 111 -12.67 -2.08 -5.93
N ILE B 112 -11.84 -1.34 -6.65
CA ILE B 112 -10.58 -1.81 -7.24
C ILE B 112 -9.42 -1.36 -6.38
N THR B 113 -9.34 -0.09 -6.04
CA THR B 113 -8.10 0.42 -5.49
C THR B 113 -7.68 -0.22 -4.14
N PRO B 114 -8.59 -0.45 -3.17
CA PRO B 114 -8.07 -1.05 -1.95
C PRO B 114 -7.57 -2.48 -2.14
N ILE B 115 -8.18 -3.24 -3.05
CA ILE B 115 -7.73 -4.62 -3.30
C ILE B 115 -6.36 -4.56 -3.98
N LEU B 116 -6.21 -3.73 -5.01
CA LEU B 116 -4.97 -3.61 -5.74
C LEU B 116 -3.83 -3.11 -4.85
N ASN B 117 -4.15 -2.34 -3.79
CA ASN B 117 -3.15 -1.89 -2.86
C ASN B 117 -3.09 -2.74 -1.60
N ASN B 118 -3.57 -3.99 -1.74
CA ASN B 118 -3.26 -5.05 -0.75
C ASN B 118 -3.93 -4.86 0.62
N GLU B 119 -5.06 -4.16 0.64
CA GLU B 119 -5.79 -3.99 1.89
C GLU B 119 -6.55 -5.23 2.31
N LEU B 120 -6.67 -5.39 3.61
CA LEU B 120 -7.48 -6.46 4.18
C LEU B 120 -8.85 -5.97 4.64
N GLU B 121 -9.04 -4.66 4.64
CA GLU B 121 -10.31 -4.07 5.03
C GLU B 121 -10.65 -2.88 4.18
N SER B 122 -11.94 -2.55 4.16
CA SER B 122 -12.35 -1.29 3.58
C SER B 122 -13.40 -0.67 4.46
N GLY B 123 -14.23 0.22 3.93
CA GLY B 123 -15.32 0.76 4.76
C GLY B 123 -16.22 1.66 3.93
N VAL B 124 -17.27 2.15 4.59
CA VAL B 124 -18.10 3.22 4.05
C VAL B 124 -18.02 4.39 5.04
N THR B 125 -18.06 5.61 4.50
CA THR B 125 -17.89 6.83 5.29
C THR B 125 -18.95 7.84 4.91
N LEU B 126 -19.74 8.21 5.93
CA LEU B 126 -20.65 9.36 5.76
C LEU B 126 -19.91 10.67 6.12
N HIS B 127 -19.92 11.64 5.21
CA HIS B 127 -19.16 12.89 5.41
C HIS B 127 -19.91 14.09 4.82
N ARG B 128 -19.56 15.29 5.28
CA ARG B 128 -20.02 16.53 4.61
C ARG B 128 -19.36 16.70 3.27
N ILE B 129 -20.05 17.26 2.28
CA ILE B 129 -19.43 17.57 1.03
C ILE B 129 -18.81 18.95 1.18
N ASP B 130 -17.51 19.01 0.91
CA ASP B 130 -16.82 20.29 0.66
C ASP B 130 -16.35 20.41 -0.79
N ASN B 131 -15.61 21.45 -1.14
CA ASN B 131 -15.30 21.62 -2.54
C ASN B 131 -14.31 20.63 -3.14
N GLY B 132 -13.63 19.91 -2.25
CA GLY B 132 -12.69 18.87 -2.71
C GLY B 132 -13.37 17.53 -2.90
N ILE B 133 -12.60 16.58 -3.43
CA ILE B 133 -13.13 15.24 -3.74
C ILE B 133 -12.98 14.34 -2.53
N ASP B 134 -14.10 14.05 -1.87
CA ASP B 134 -14.19 13.18 -0.71
C ASP B 134 -13.36 13.68 0.47
N THR B 135 -13.22 14.98 0.54
CA THR B 135 -12.31 15.63 1.50
C THR B 135 -13.02 16.16 2.75
N GLY B 136 -14.35 16.25 2.69
CA GLY B 136 -15.09 16.84 3.79
C GLY B 136 -15.10 16.10 5.09
N ASN B 137 -15.57 16.77 6.14
CA ASN B 137 -15.45 16.26 7.48
C ASN B 137 -16.28 14.97 7.70
N ILE B 138 -15.73 13.99 8.41
CA ILE B 138 -16.35 12.69 8.62
C ILE B 138 -17.41 12.73 9.72
N ILE B 139 -18.60 12.23 9.39
CA ILE B 139 -19.65 12.06 10.38
C ILE B 139 -19.73 10.67 11.03
N ASP B 140 -19.61 9.61 10.21
CA ASP B 140 -19.62 8.26 10.76
C ASP B 140 -18.88 7.40 9.73
N GLN B 141 -18.38 6.26 10.20
CA GLN B 141 -17.67 5.32 9.35
C GLN B 141 -17.93 3.91 9.87
N HIS B 142 -18.07 2.97 8.94
CA HIS B 142 -18.15 1.56 9.29
C HIS B 142 -17.10 0.83 8.44
N CYS B 143 -16.13 0.20 9.09
CA CYS B 143 -15.12 -0.57 8.39
C CYS B 143 -15.54 -2.05 8.40
N PHE B 144 -15.13 -2.79 7.37
CA PHE B 144 -15.47 -4.21 7.28
C PHE B 144 -14.37 -4.91 6.47
N PRO B 145 -14.31 -6.26 6.60
CA PRO B 145 -13.25 -6.99 5.91
C PRO B 145 -13.42 -7.09 4.41
N ILE B 146 -12.29 -7.07 3.73
CA ILE B 146 -12.22 -7.57 2.37
C ILE B 146 -11.71 -9.02 2.52
N ASP B 147 -12.61 -9.97 2.35
CA ASP B 147 -12.21 -11.35 2.52
C ASP B 147 -11.19 -11.70 1.45
N ILE B 148 -10.35 -12.69 1.75
CA ILE B 148 -9.19 -12.96 0.91
C ILE B 148 -9.54 -13.26 -0.53
N ASN B 149 -10.68 -13.90 -0.79
CA ASN B 149 -11.06 -14.24 -2.16
C ASN B 149 -12.14 -13.36 -2.76
N ASP B 150 -12.44 -12.27 -2.07
CA ASP B 150 -13.42 -11.29 -2.61
C ASP B 150 -12.93 -10.67 -3.90
N THR B 151 -13.83 -10.51 -4.86
CA THR B 151 -13.54 -9.74 -6.07
C THR B 151 -13.97 -8.27 -5.90
N ALA B 152 -13.57 -7.45 -6.84
CA ALA B 152 -14.09 -6.08 -6.84
C ALA B 152 -15.62 -6.05 -6.79
N ARG B 153 -16.30 -6.91 -7.54
CA ARG B 153 -17.77 -6.93 -7.51
C ARG B 153 -18.29 -7.30 -6.14
N ASP B 154 -17.67 -8.29 -5.48
CA ASP B 154 -18.08 -8.64 -4.13
C ASP B 154 -17.92 -7.46 -3.18
N LEU B 155 -16.79 -6.76 -3.29
CA LEU B 155 -16.58 -5.57 -2.45
C LEU B 155 -17.63 -4.47 -2.74
N TYR B 156 -17.99 -4.26 -3.99
CA TYR B 156 -18.97 -3.24 -4.35
C TYR B 156 -20.31 -3.62 -3.71
N PHE B 157 -20.72 -4.89 -3.76
CA PHE B 157 -21.99 -5.23 -3.12
C PHE B 157 -21.94 -5.05 -1.61
N ASN B 158 -20.79 -5.27 -0.97
CA ASN B 158 -20.64 -4.89 0.44
C ASN B 158 -20.72 -3.38 0.68
N TYR B 159 -20.10 -2.56 -0.15
CA TYR B 159 -20.33 -1.11 -0.05
C TYR B 159 -21.81 -0.78 -0.13
N LEU B 160 -22.56 -1.38 -1.06
CA LEU B 160 -23.98 -1.03 -1.17
C LEU B 160 -24.68 -1.40 0.14
N LYS B 161 -24.35 -2.56 0.69
CA LYS B 161 -24.99 -3.07 1.90
C LYS B 161 -24.67 -2.21 3.10
N TYR B 162 -23.40 -1.97 3.34
CA TYR B 162 -23.00 -1.23 4.53
C TYR B 162 -23.31 0.26 4.36
N GLY B 163 -23.34 0.75 3.13
CA GLY B 163 -23.67 2.15 2.86
C GLY B 163 -25.14 2.40 3.12
N GLU B 164 -26.00 1.48 2.69
CA GLU B 164 -27.43 1.65 3.00
C GLU B 164 -27.60 1.62 4.52
N SER B 165 -26.87 0.74 5.20
CA SER B 165 -26.96 0.63 6.65
C SER B 165 -26.54 1.92 7.36
N ILE B 166 -25.42 2.51 6.95
CA ILE B 166 -24.93 3.74 7.59
C ILE B 166 -25.83 4.96 7.32
N PHE B 167 -26.50 4.95 6.17
CA PHE B 167 -27.51 5.96 5.88
C PHE B 167 -28.64 5.84 6.89
N LYS B 168 -29.15 4.62 7.09
CA LYS B 168 -30.30 4.45 7.98
C LYS B 168 -29.90 4.83 9.39
N LYS B 169 -28.67 4.46 9.78
CA LYS B 169 -28.13 4.74 11.11
C LYS B 169 -28.05 6.23 11.44
N ASN B 170 -27.84 7.08 10.45
CA ASN B 170 -27.46 8.48 10.67
C ASN B 170 -28.51 9.51 10.24
N ILE B 171 -29.55 9.07 9.52
CA ILE B 171 -30.43 10.00 8.84
C ILE B 171 -31.23 10.87 9.82
N GLN B 172 -31.59 10.32 10.97
CA GLN B 172 -32.35 11.09 11.96
C GLN B 172 -31.56 12.33 12.40
N THR B 173 -30.27 12.15 12.67
CA THR B 173 -29.40 13.26 13.09
C THR B 173 -29.11 14.27 12.01
N ILE B 174 -29.11 13.85 10.75
CA ILE B 174 -29.03 14.77 9.63
CA ILE B 174 -29.01 14.79 9.66
C ILE B 174 -30.31 15.61 9.54
N ILE B 175 -31.45 14.93 9.62
CA ILE B 175 -32.74 15.62 9.54
C ILE B 175 -32.91 16.62 10.69
N ASN B 176 -32.54 16.25 11.90
CA ASN B 176 -32.61 17.24 12.97
CA ASN B 176 -32.57 17.17 13.04
C ASN B 176 -31.39 18.14 13.12
N ASN B 177 -30.38 17.91 12.28
CA ASN B 177 -29.19 18.77 12.27
C ASN B 177 -28.41 18.76 13.57
N SER B 178 -28.30 17.60 14.20
CA SER B 178 -27.60 17.45 15.48
C SER B 178 -26.37 16.55 15.38
N TYR B 179 -25.95 16.26 14.14
CA TYR B 179 -24.83 15.34 13.94
C TYR B 179 -23.53 16.01 14.36
N LYS B 180 -22.53 15.18 14.63
CA LYS B 180 -21.18 15.67 14.92
C LYS B 180 -20.22 15.21 13.82
N ASP B 181 -19.19 16.00 13.57
CA ASP B 181 -18.22 15.64 12.53
C ASP B 181 -16.80 15.94 12.98
N LEU B 182 -15.81 15.40 12.26
CA LEU B 182 -14.40 15.69 12.55
C LEU B 182 -13.63 15.83 11.24
N LYS B 183 -12.70 16.79 11.18
CA LYS B 183 -11.84 16.99 10.00
C LYS B 183 -11.09 15.70 9.68
N GLN B 184 -10.91 15.41 8.39
CA GLN B 184 -9.98 14.34 7.99
C GLN B 184 -8.53 14.71 8.27
N THR B 185 -7.75 13.69 8.67
CA THR B 185 -6.31 13.88 8.80
CA THR B 185 -6.29 13.79 8.81
C THR B 185 -5.57 13.97 7.47
N ASN B 186 -4.37 14.57 7.49
CA ASN B 186 -3.52 14.55 6.31
C ASN B 186 -2.85 13.19 6.11
N ILE B 187 -2.51 12.56 7.21
CA ILE B 187 -1.79 11.29 7.09
CA ILE B 187 -1.82 11.26 7.22
C ILE B 187 -2.77 10.17 6.72
N ASN B 188 -2.26 9.22 5.96
CA ASN B 188 -3.04 8.08 5.42
C ASN B 188 -3.97 8.50 4.29
N SER B 189 -4.06 9.80 3.98
CA SER B 189 -4.94 10.22 2.91
C SER B 189 -4.40 9.74 1.56
N SER B 190 -5.25 9.14 0.74
CA SER B 190 -4.85 8.72 -0.58
C SER B 190 -5.98 8.95 -1.59
N TYR B 191 -5.64 8.95 -2.87
CA TYR B 191 -6.59 9.37 -3.90
C TYR B 191 -6.21 8.72 -5.22
N PHE B 192 -7.24 8.24 -5.94
CA PHE B 192 -7.04 7.71 -7.28
C PHE B 192 -8.04 8.29 -8.26
N SER B 193 -7.53 8.70 -9.42
CA SER B 193 -8.39 9.19 -10.51
C SER B 193 -8.61 8.15 -11.58
N ARG B 194 -9.55 8.42 -12.49
CA ARG B 194 -9.81 7.46 -13.57
C ARG B 194 -8.54 7.09 -14.34
N LYS B 195 -7.68 8.09 -14.54
CA LYS B 195 -6.43 7.97 -15.27
C LYS B 195 -5.42 7.05 -14.58
N ASP B 196 -5.54 6.89 -13.27
CA ASP B 196 -4.55 6.13 -12.54
C ASP B 196 -4.77 4.61 -12.71
N ILE B 197 -5.95 4.21 -13.14
CA ILE B 197 -6.27 2.78 -13.19
C ILE B 197 -6.44 2.41 -14.66
N ASN B 198 -5.59 1.54 -15.18
CA ASN B 198 -5.88 0.95 -16.49
C ASN B 198 -6.76 -0.29 -16.33
N LEU B 199 -7.99 -0.18 -16.85
CA LEU B 199 -8.97 -1.24 -16.65
C LEU B 199 -8.65 -2.53 -17.38
N VAL B 200 -7.76 -2.46 -18.37
CA VAL B 200 -7.20 -3.64 -19.00
C VAL B 200 -5.85 -3.88 -18.33
N HIS B 201 -5.88 -4.57 -17.19
CA HIS B 201 -4.69 -4.66 -16.35
C HIS B 201 -3.78 -5.75 -16.90
N LYS B 202 -2.49 -5.41 -17.01
CA LYS B 202 -1.47 -6.38 -17.38
C LYS B 202 -0.83 -6.84 -16.06
N ILE B 203 -0.93 -8.13 -15.78
CA ILE B 203 -0.47 -8.65 -14.49
C ILE B 203 1.05 -8.73 -14.47
N ASN B 204 1.62 -8.26 -13.36
CA ASN B 204 3.03 -8.40 -13.09
C ASN B 204 3.15 -9.67 -12.26
N PHE B 205 3.71 -10.71 -12.85
CA PHE B 205 3.92 -11.98 -12.20
C PHE B 205 5.19 -12.05 -11.33
N LYS B 206 6.07 -11.09 -11.45
CA LYS B 206 7.28 -11.04 -10.59
C LYS B 206 6.91 -10.33 -9.31
N LYS B 207 5.99 -10.94 -8.59
CA LYS B 207 5.33 -10.40 -7.40
C LYS B 207 4.99 -11.55 -6.49
N THR B 208 4.56 -11.27 -5.27
CA THR B 208 4.15 -12.37 -4.37
C THR B 208 2.84 -12.97 -4.85
N SER B 209 2.54 -14.18 -4.37
CA SER B 209 1.23 -14.74 -4.69
C SER B 209 0.08 -13.84 -4.26
N PHE B 210 0.15 -13.27 -3.06
CA PHE B 210 -0.85 -12.30 -2.58
C PHE B 210 -1.03 -11.14 -3.57
N GLU B 211 0.08 -10.58 -4.05
CA GLU B 211 -0.02 -9.48 -5.02
C GLU B 211 -0.58 -9.93 -6.36
N ILE B 212 -0.17 -11.09 -6.89
CA ILE B 212 -0.73 -11.58 -8.15
C ILE B 212 -2.24 -11.81 -8.00
N HIS B 213 -2.64 -12.48 -6.92
CA HIS B 213 -4.05 -12.72 -6.63
C HIS B 213 -4.83 -11.39 -6.53
N ASN B 214 -4.25 -10.40 -5.85
CA ASN B 214 -4.93 -9.10 -5.74
C ASN B 214 -5.02 -8.45 -7.10
N GLN B 215 -4.02 -8.54 -7.96
CA GLN B 215 -4.09 -7.95 -9.27
C GLN B 215 -5.19 -8.58 -10.09
N ILE B 216 -5.39 -9.89 -9.95
CA ILE B 216 -6.48 -10.55 -10.68
C ILE B 216 -7.83 -10.14 -10.10
N ARG B 217 -8.07 -10.33 -8.80
CA ARG B 217 -9.43 -10.17 -8.27
C ARG B 217 -9.90 -8.70 -8.23
N ALA B 218 -8.96 -7.74 -8.19
CA ALA B 218 -9.35 -6.32 -8.21
C ALA B 218 -10.04 -5.97 -9.50
N PHE B 219 -9.88 -6.75 -10.57
CA PHE B 219 -10.50 -6.40 -11.85
C PHE B 219 -11.66 -7.31 -12.24
N ILE B 220 -12.01 -8.20 -11.34
CA ILE B 220 -13.16 -9.08 -11.59
C ILE B 220 -14.43 -8.34 -11.22
N PHE B 221 -15.12 -7.85 -12.25
CA PHE B 221 -16.42 -7.19 -12.07
C PHE B 221 -17.15 -7.30 -13.41
N GLN B 222 -17.81 -8.43 -13.61
CA GLN B 222 -18.18 -8.92 -14.91
C GLN B 222 -19.05 -7.97 -15.75
N GLU B 223 -19.92 -7.20 -15.09
CA GLU B 223 -20.72 -6.21 -15.83
C GLU B 223 -19.88 -5.18 -16.58
N TYR B 224 -18.63 -5.01 -16.14
CA TYR B 224 -17.71 -4.07 -16.77
C TYR B 224 -16.59 -4.81 -17.49
N GLN B 225 -15.84 -5.64 -16.76
CA GLN B 225 -14.74 -6.38 -17.39
C GLN B 225 -14.27 -7.56 -16.55
N LEU B 226 -13.47 -8.44 -17.18
CA LEU B 226 -12.78 -9.52 -16.46
C LEU B 226 -11.33 -9.47 -16.90
N PRO B 227 -10.42 -9.81 -15.97
CA PRO B 227 -9.02 -9.91 -16.35
C PRO B 227 -8.81 -11.04 -17.34
N ILE B 228 -7.82 -10.88 -18.21
CA ILE B 228 -7.51 -11.89 -19.22
C ILE B 228 -6.09 -12.42 -18.96
N ILE B 229 -5.95 -13.74 -18.86
CA ILE B 229 -4.63 -14.35 -18.76
C ILE B 229 -4.51 -15.33 -19.92
N ASN B 230 -3.44 -15.24 -20.72
CA ASN B 230 -3.26 -16.17 -21.86
C ASN B 230 -4.59 -16.28 -22.67
N ASN B 231 -5.15 -15.11 -22.97
CA ASN B 231 -6.32 -15.00 -23.82
C ASN B 231 -7.52 -15.78 -23.27
N SER B 232 -7.61 -15.86 -21.95
CA SER B 232 -8.78 -16.43 -21.29
C SER B 232 -9.29 -15.44 -20.25
N LYS B 233 -10.58 -15.17 -20.27
CA LYS B 233 -11.20 -14.42 -19.17
C LYS B 233 -11.27 -15.19 -17.86
N ILE B 234 -10.95 -14.48 -16.78
CA ILE B 234 -10.94 -15.03 -15.42
C ILE B 234 -12.11 -14.57 -14.55
N ILE B 235 -12.83 -15.51 -13.95
CA ILE B 235 -14.01 -15.18 -13.15
C ILE B 235 -13.79 -15.26 -11.64
N LYS B 236 -12.72 -15.94 -11.16
CA LYS B 236 -12.52 -16.06 -9.72
C LYS B 236 -11.06 -16.35 -9.49
N SER B 237 -10.50 -15.84 -8.41
CA SER B 237 -9.16 -16.24 -8.00
C SER B 237 -9.22 -16.72 -6.58
N ILE B 238 -8.51 -17.83 -6.29
CA ILE B 238 -8.52 -18.40 -4.95
C ILE B 238 -7.08 -18.54 -4.45
N LEU B 239 -6.77 -17.92 -3.32
CA LEU B 239 -5.40 -17.92 -2.77
C LEU B 239 -5.36 -18.82 -1.56
N ALA B 240 -4.42 -19.77 -1.59
CA ALA B 240 -4.25 -20.73 -0.51
C ALA B 240 -2.91 -20.48 0.21
N ASN B 241 -2.80 -20.96 1.44
CA ASN B 241 -1.55 -21.01 2.20
CA ASN B 241 -1.50 -20.93 2.11
C ASN B 241 -0.59 -22.12 1.80
N GLU B 242 -0.91 -22.90 0.78
CA GLU B 242 -0.12 -24.09 0.38
C GLU B 242 1.08 -23.64 -0.44
N PHE B 243 2.28 -24.03 -0.02
CA PHE B 243 3.47 -23.77 -0.82
C PHE B 243 3.61 -24.81 -1.94
N ILE B 244 3.76 -24.38 -3.18
CA ILE B 244 3.82 -25.22 -4.36
C ILE B 244 5.08 -24.98 -5.17
N GLY B 245 6.02 -24.23 -4.58
CA GLY B 245 7.20 -23.84 -5.30
C GLY B 245 7.09 -22.44 -5.89
N TYR B 246 8.21 -21.81 -6.13
CA TYR B 246 8.24 -20.41 -6.63
C TYR B 246 7.89 -20.27 -8.11
N ASN B 247 7.12 -19.24 -8.47
CA ASN B 247 6.96 -18.85 -9.84
C ASN B 247 6.36 -19.96 -10.71
N VAL B 248 5.35 -20.63 -10.18
CA VAL B 248 4.56 -21.60 -10.96
C VAL B 248 3.61 -20.89 -11.91
N PHE B 249 3.49 -21.40 -13.13
CA PHE B 249 2.45 -20.95 -14.04
C PHE B 249 2.09 -22.03 -15.04
N GLU B 250 0.86 -22.53 -14.94
CA GLU B 250 0.39 -23.61 -15.80
C GLU B 250 -1.07 -23.38 -16.19
N GLU B 251 -1.33 -23.47 -17.49
CA GLU B 251 -2.67 -23.30 -18.06
C GLU B 251 -3.36 -24.66 -18.22
N PHE B 252 -4.56 -24.79 -17.65
CA PHE B 252 -5.43 -25.93 -17.97
C PHE B 252 -6.72 -25.48 -18.64
N GLU B 253 -7.57 -26.46 -18.94
CA GLU B 253 -8.79 -26.21 -19.70
C GLU B 253 -9.69 -25.21 -18.98
N ASN B 254 -9.79 -25.37 -17.67
CA ASN B 254 -10.74 -24.61 -16.85
C ASN B 254 -10.14 -23.60 -15.89
N TYR B 255 -8.81 -23.57 -15.78
CA TYR B 255 -8.18 -22.75 -14.73
C TYR B 255 -6.69 -22.64 -14.99
N PHE B 256 -6.04 -21.71 -14.30
CA PHE B 256 -4.58 -21.65 -14.17
C PHE B 256 -4.22 -21.96 -12.72
N ILE B 257 -3.07 -22.63 -12.55
CA ILE B 257 -2.41 -22.71 -11.28
C ILE B 257 -1.17 -21.82 -11.34
N ILE B 258 -1.08 -20.92 -10.34
CA ILE B 258 -0.06 -19.86 -10.38
C ILE B 258 0.53 -19.71 -8.99
N SER B 259 1.83 -19.40 -8.93
CA SER B 259 2.39 -18.88 -7.66
C SER B 259 3.39 -17.83 -8.03
N GLY B 260 3.60 -16.90 -7.07
CA GLY B 260 4.60 -15.87 -7.31
C GLY B 260 5.91 -16.15 -6.59
N ILE B 261 6.58 -15.08 -6.22
CA ILE B 261 7.96 -15.22 -5.74
C ILE B 261 8.06 -15.87 -4.40
N ASP B 262 6.95 -15.95 -3.67
CA ASP B 262 6.90 -16.65 -2.38
C ASP B 262 6.20 -18.03 -2.41
N GLY B 263 5.70 -18.40 -3.60
CA GLY B 263 5.38 -19.82 -3.88
C GLY B 263 4.01 -20.27 -3.40
N PHE B 264 3.10 -19.40 -2.96
CA PHE B 264 1.77 -19.84 -2.49
C PHE B 264 0.77 -20.08 -3.63
N LYS B 265 -0.02 -21.16 -3.49
CA LYS B 265 -0.93 -21.56 -4.57
C LYS B 265 -2.11 -20.61 -4.84
N ILE B 266 -2.21 -20.23 -6.10
CA ILE B 266 -3.37 -19.51 -6.62
C ILE B 266 -4.03 -20.42 -7.68
N ILE B 267 -5.36 -20.50 -7.59
CA ILE B 267 -6.19 -21.06 -8.67
C ILE B 267 -7.00 -19.92 -9.29
N ALA B 268 -6.77 -19.66 -10.58
CA ALA B 268 -7.50 -18.61 -11.31
C ALA B 268 -8.46 -19.38 -12.24
N GLN B 269 -9.75 -19.31 -11.91
CA GLN B 269 -10.78 -20.03 -12.68
CA GLN B 269 -10.79 -20.01 -12.69
C GLN B 269 -11.17 -19.30 -13.96
N LYS B 270 -11.16 -19.98 -15.11
CA LYS B 270 -11.63 -19.42 -16.36
C LYS B 270 -13.16 -19.29 -16.37
N LEU B 271 -13.61 -18.19 -16.98
CA LEU B 271 -15.04 -17.99 -17.22
C LEU B 271 -15.69 -19.16 -17.98
N ASN B 272 -14.92 -19.85 -18.82
CA ASN B 272 -15.54 -20.89 -19.65
C ASN B 272 -15.88 -22.17 -18.89
N LYS B 273 -15.41 -22.27 -17.66
CA LYS B 273 -15.67 -23.47 -16.91
C LYS B 273 -17.17 -23.63 -16.72
N LEU B 274 -17.70 -24.82 -16.95
CA LEU B 274 -19.15 -25.01 -16.84
C LEU B 274 -19.73 -24.81 -15.42
#